data_3L0N
#
_entry.id   3L0N
#
_cell.length_a   69.644
_cell.length_b   62.165
_cell.length_c   69.935
_cell.angle_alpha   90.00
_cell.angle_beta   113.99
_cell.angle_gamma   90.00
#
_symmetry.space_group_name_H-M   'P 1 21 1'
#
loop_
_entity.id
_entity.type
_entity.pdbx_description
1 polymer "Uridine 5'-monophosphate synthase"
2 non-polymer "6-sulfanyluridine-5'-phosphate"
3 water water
#
_entity_poly.entity_id   1
_entity_poly.type   'polypeptide(L)'
_entity_poly.pdbx_seq_one_letter_code
;GAMELSFGARAELPRIHPVASKLLRLMQKKETNLCLSADVSLARELLQLADALGPSICMLKTHVDILNDFTLDVMKELIT
LAKCHEFLIFEDRKFADIGNTVKKQYEGGIFKIASWADLVNAHVVPGSGVVKGLQEVGLPLHRGCLLIAEMSSTGSLATG
DYTRAAVRMAEEHSEFVVGFISGSRVSMKPEFLHLTPGVQLEAGGDNLGQQYNSPQEVIGKRGSDIIIVGRGIISAADRL
EAAEMYRKAAWEAYLSRLGV
;
_entity_poly.pdbx_strand_id   A,B
#
loop_
_chem_comp.id
_chem_comp.type
_chem_comp.name
_chem_comp.formula
S5P non-polymer 6-sulfanyluridine-5'-phosphate 'C9 H13 N2 O9 P S'
#
# COMPACT_ATOMS: atom_id res chain seq x y z
N GLU A 4 8.06 18.33 -28.82
CA GLU A 4 6.82 17.80 -28.19
C GLU A 4 5.85 17.21 -29.23
N LEU A 5 5.41 15.97 -29.00
CA LEU A 5 4.52 15.27 -29.88
C LEU A 5 3.10 15.16 -29.31
N SER A 6 2.12 15.06 -30.20
CA SER A 6 0.77 14.74 -29.81
C SER A 6 0.67 13.36 -29.14
N PHE A 7 -0.41 13.17 -28.39
CA PHE A 7 -0.75 11.86 -27.86
C PHE A 7 -0.74 10.78 -28.97
N GLY A 8 -1.33 11.10 -30.12
CA GLY A 8 -1.35 10.16 -31.28
C GLY A 8 0.00 9.73 -31.83
N ALA A 9 0.93 10.68 -31.89
CA ALA A 9 2.30 10.42 -32.34
C ALA A 9 3.06 9.67 -31.26
N ARG A 10 2.85 10.07 -30.01
CA ARG A 10 3.50 9.37 -28.91
C ARG A 10 3.05 7.89 -28.88
N ALA A 11 1.84 7.59 -29.32
CA ALA A 11 1.34 6.21 -29.32
C ALA A 11 2.13 5.33 -30.29
N GLU A 12 2.82 5.96 -31.25
CA GLU A 12 3.55 5.20 -32.26
C GLU A 12 5.05 5.16 -32.00
N LEU A 13 5.53 5.76 -30.90
CA LEU A 13 6.98 5.80 -30.63
C LEU A 13 7.55 4.40 -30.61
N PRO A 14 8.79 4.24 -31.08
CA PRO A 14 9.34 2.88 -31.14
C PRO A 14 9.37 2.11 -29.81
N ARG A 15 9.64 2.82 -28.73
CA ARG A 15 9.78 2.20 -27.40
C ARG A 15 8.48 2.24 -26.56
N ILE A 16 7.40 2.70 -27.14
CA ILE A 16 6.12 2.81 -26.48
C ILE A 16 5.68 1.42 -26.00
N HIS A 17 5.09 1.37 -24.80
CA HIS A 17 4.54 0.12 -24.27
C HIS A 17 3.15 -0.06 -24.89
N PRO A 18 2.73 -1.31 -25.20
CA PRO A 18 1.39 -1.51 -25.79
C PRO A 18 0.24 -0.91 -25.03
N VAL A 19 0.28 -0.99 -23.70
CA VAL A 19 -0.79 -0.42 -22.90
C VAL A 19 -0.82 1.10 -22.96
N ALA A 20 0.35 1.74 -22.87
CA ALA A 20 0.50 3.18 -23.16
C ALA A 20 -0.01 3.59 -24.57
N SER A 21 0.33 2.78 -25.58
CA SER A 21 -0.05 3.12 -26.94
C SER A 21 -1.57 3.09 -27.07
N LYS A 22 -2.19 2.05 -26.51
CA LYS A 22 -3.63 1.90 -26.49
C LYS A 22 -4.26 3.13 -25.83
N LEU A 23 -3.76 3.47 -24.65
CA LEU A 23 -4.23 4.63 -23.92
C LEU A 23 -4.13 5.92 -24.76
N LEU A 24 -2.95 6.19 -25.32
CA LEU A 24 -2.69 7.43 -26.04
C LEU A 24 -3.52 7.54 -27.32
N ARG A 25 -3.67 6.43 -28.04
CA ARG A 25 -4.63 6.37 -29.16
C ARG A 25 -6.07 6.81 -28.82
N LEU A 26 -6.64 6.30 -27.72
CA LEU A 26 -8.05 6.61 -27.37
C LEU A 26 -8.17 8.01 -26.76
N MET A 27 -7.10 8.49 -26.14
CA MET A 27 -6.99 9.90 -25.70
C MET A 27 -7.12 10.84 -26.93
N GLN A 28 -6.33 10.60 -27.96
CA GLN A 28 -6.43 11.37 -29.20
C GLN A 28 -7.80 11.22 -29.85
N LYS A 29 -8.25 9.99 -30.00
CA LYS A 29 -9.56 9.70 -30.62
C LYS A 29 -10.75 10.40 -29.97
N LYS A 30 -10.81 10.36 -28.64
CA LYS A 30 -11.96 10.85 -27.89
C LYS A 30 -11.76 12.26 -27.34
N GLU A 31 -10.57 12.86 -27.53
CA GLU A 31 -10.30 14.23 -27.02
C GLU A 31 -10.48 14.29 -25.50
N THR A 32 -9.90 13.29 -24.84
CA THR A 32 -9.92 13.24 -23.38
C THR A 32 -8.58 12.85 -22.78
N ASN A 33 -8.12 13.62 -21.80
CA ASN A 33 -6.95 13.24 -20.98
C ASN A 33 -7.36 13.28 -19.50
N LEU A 34 -8.63 12.89 -19.24
CA LEU A 34 -9.23 12.82 -17.92
C LEU A 34 -9.36 11.40 -17.44
N CYS A 35 -8.78 11.12 -16.27
CA CYS A 35 -9.00 9.87 -15.53
C CYS A 35 -9.98 10.09 -14.39
N LEU A 36 -11.11 9.41 -14.45
CA LEU A 36 -12.07 9.48 -13.35
C LEU A 36 -11.55 8.67 -12.16
N SER A 37 -11.51 9.26 -10.97
CA SER A 37 -11.27 8.54 -9.69
C SER A 37 -12.63 8.16 -9.06
N ALA A 38 -13.05 6.95 -9.35
CA ALA A 38 -14.35 6.45 -8.98
C ALA A 38 -14.39 5.92 -7.54
N ASP A 39 -14.17 6.83 -6.58
CA ASP A 39 -14.02 6.50 -5.18
C ASP A 39 -15.40 6.39 -4.56
N VAL A 40 -16.10 5.31 -4.92
CA VAL A 40 -17.45 5.02 -4.40
C VAL A 40 -17.46 3.66 -3.75
N SER A 41 -18.45 3.39 -2.89
CA SER A 41 -18.47 2.12 -2.14
C SER A 41 -19.47 1.08 -2.66
N LEU A 42 -20.32 1.46 -3.61
CA LEU A 42 -21.32 0.54 -4.16
C LEU A 42 -21.09 0.32 -5.65
N ALA A 43 -21.21 -0.94 -6.05
CA ALA A 43 -20.96 -1.37 -7.43
C ALA A 43 -21.92 -0.72 -8.41
N ARG A 44 -23.19 -0.55 -8.04
CA ARG A 44 -24.16 0.13 -8.93
C ARG A 44 -23.72 1.55 -9.20
N GLU A 45 -23.13 2.20 -8.21
CA GLU A 45 -22.70 3.57 -8.36
C GLU A 45 -21.56 3.57 -9.34
N LEU A 46 -20.61 2.69 -9.08
CA LEU A 46 -19.47 2.54 -9.90
C LEU A 46 -19.85 2.37 -11.36
N LEU A 47 -20.72 1.38 -11.62
CA LEU A 47 -21.17 1.05 -12.97
C LEU A 47 -22.03 2.14 -13.64
N GLN A 48 -22.87 2.81 -12.88
CA GLN A 48 -23.59 3.98 -13.44
C GLN A 48 -22.67 5.14 -13.84
N LEU A 49 -21.71 5.44 -12.97
CA LEU A 49 -20.71 6.43 -13.32
C LEU A 49 -19.86 5.96 -14.53
N ALA A 50 -19.45 4.70 -14.57
CA ALA A 50 -18.59 4.26 -15.66
C ALA A 50 -19.38 4.36 -17.00
N ASP A 51 -20.65 3.99 -16.97
CA ASP A 51 -21.49 4.05 -18.20
C ASP A 51 -21.70 5.47 -18.64
N ALA A 52 -22.14 6.33 -17.72
CA ALA A 52 -22.48 7.68 -18.07
C ALA A 52 -21.26 8.49 -18.44
N LEU A 53 -20.12 8.24 -17.78
CA LEU A 53 -18.96 9.12 -17.97
C LEU A 53 -17.96 8.48 -18.92
N GLY A 54 -18.21 7.23 -19.32
CA GLY A 54 -17.29 6.49 -20.16
C GLY A 54 -16.81 7.28 -21.34
N PRO A 55 -17.73 7.90 -22.08
CA PRO A 55 -17.34 8.66 -23.28
C PRO A 55 -16.42 9.86 -23.02
N SER A 56 -16.33 10.29 -21.77
CA SER A 56 -15.66 11.55 -21.38
C SER A 56 -14.26 11.31 -20.82
N ILE A 57 -13.88 10.05 -20.60
CA ILE A 57 -12.71 9.68 -19.85
C ILE A 57 -11.79 8.73 -20.64
N CYS A 58 -10.47 8.83 -20.41
CA CYS A 58 -9.51 7.92 -21.02
C CYS A 58 -9.25 6.72 -20.12
N MET A 59 -9.65 6.83 -18.87
CA MET A 59 -9.29 5.85 -17.85
C MET A 59 -10.19 6.02 -16.61
N LEU A 60 -10.46 4.90 -15.95
CA LEU A 60 -11.22 4.88 -14.70
C LEU A 60 -10.28 4.26 -13.68
N LYS A 61 -9.93 5.04 -12.65
CA LYS A 61 -9.08 4.59 -11.53
C LYS A 61 -10.01 4.01 -10.47
N THR A 62 -9.75 2.76 -10.05
CA THR A 62 -10.56 2.12 -9.01
C THR A 62 -9.77 1.99 -7.67
N HIS A 63 -10.50 1.89 -6.57
CA HIS A 63 -9.99 1.40 -5.28
C HIS A 63 -10.93 0.23 -4.93
N VAL A 64 -10.66 -0.95 -5.50
CA VAL A 64 -11.52 -2.13 -5.33
C VAL A 64 -11.75 -2.56 -3.87
N ASP A 65 -10.79 -2.21 -3.00
CA ASP A 65 -10.88 -2.54 -1.56
C ASP A 65 -11.78 -1.64 -0.74
N ILE A 66 -12.48 -0.72 -1.38
CA ILE A 66 -13.43 0.07 -0.67
C ILE A 66 -14.83 -0.25 -1.19
N LEU A 67 -14.94 -1.17 -2.15
CA LEU A 67 -16.21 -1.52 -2.74
C LEU A 67 -16.92 -2.50 -1.77
N ASN A 68 -17.97 -2.02 -1.11
CA ASN A 68 -18.71 -2.85 -0.14
C ASN A 68 -19.27 -4.18 -0.70
N ASP A 69 -19.56 -4.21 -2.01
CA ASP A 69 -20.20 -5.39 -2.66
C ASP A 69 -19.40 -5.85 -3.88
N PHE A 70 -18.07 -5.79 -3.75
CA PHE A 70 -17.21 -6.32 -4.77
C PHE A 70 -17.51 -7.76 -5.05
N THR A 71 -17.50 -8.08 -6.34
CA THR A 71 -17.39 -9.43 -6.86
C THR A 71 -16.66 -9.32 -8.18
N LEU A 72 -16.12 -10.42 -8.64
CA LEU A 72 -15.47 -10.46 -9.95
C LEU A 72 -16.43 -10.15 -11.10
N ASP A 73 -17.70 -10.50 -10.92
CA ASP A 73 -18.75 -10.15 -11.88
C ASP A 73 -18.92 -8.63 -12.01
N VAL A 74 -18.72 -7.90 -10.92
CA VAL A 74 -18.79 -6.44 -11.01
C VAL A 74 -17.69 -6.00 -11.98
N MET A 75 -16.53 -6.64 -11.87
CA MET A 75 -15.43 -6.27 -12.75
C MET A 75 -15.65 -6.69 -14.23
N LYS A 76 -16.36 -7.78 -14.44
CA LYS A 76 -16.73 -8.22 -15.78
C LYS A 76 -17.62 -7.17 -16.40
N GLU A 77 -18.63 -6.75 -15.63
CA GLU A 77 -19.50 -5.68 -16.11
CA GLU A 77 -19.53 -5.67 -16.07
C GLU A 77 -18.71 -4.38 -16.35
N LEU A 78 -17.69 -4.11 -15.52
CA LEU A 78 -16.89 -2.90 -15.70
C LEU A 78 -16.07 -2.97 -16.97
N ILE A 79 -15.50 -4.14 -17.23
CA ILE A 79 -14.75 -4.39 -18.45
C ILE A 79 -15.64 -4.13 -19.67
N THR A 80 -16.87 -4.64 -19.64
CA THR A 80 -17.82 -4.39 -20.76
C THR A 80 -17.97 -2.90 -21.07
N LEU A 81 -18.12 -2.11 -20.01
CA LEU A 81 -18.23 -0.68 -20.14
C LEU A 81 -16.93 -0.09 -20.68
N ALA A 82 -15.78 -0.59 -20.22
CA ALA A 82 -14.50 -0.07 -20.67
C ALA A 82 -14.28 -0.30 -22.17
N LYS A 83 -14.63 -1.50 -22.65
CA LYS A 83 -14.56 -1.86 -24.08
C LYS A 83 -15.62 -1.09 -24.89
N CYS A 84 -16.85 -1.02 -24.41
CA CYS A 84 -17.88 -0.27 -25.14
C CYS A 84 -17.44 1.20 -25.33
N HIS A 85 -17.03 1.83 -24.24
CA HIS A 85 -16.77 3.27 -24.23
C HIS A 85 -15.31 3.66 -24.52
N GLU A 86 -14.42 2.67 -24.55
CA GLU A 86 -12.98 2.85 -24.81
C GLU A 86 -12.30 3.64 -23.70
N PHE A 87 -12.09 2.99 -22.56
CA PHE A 87 -11.19 3.56 -21.53
C PHE A 87 -10.45 2.41 -20.89
N LEU A 88 -9.25 2.68 -20.36
CA LEU A 88 -8.50 1.67 -19.60
C LEU A 88 -8.95 1.63 -18.15
N ILE A 89 -8.64 0.51 -17.47
CA ILE A 89 -8.99 0.36 -16.05
C ILE A 89 -7.70 0.39 -15.24
N PHE A 90 -7.68 1.22 -14.22
CA PHE A 90 -6.48 1.45 -13.40
C PHE A 90 -6.85 1.18 -11.96
N GLU A 91 -6.26 0.14 -11.35
CA GLU A 91 -6.57 -0.17 -9.96
C GLU A 91 -5.45 0.47 -9.13
N ASP A 92 -5.86 1.38 -8.28
CA ASP A 92 -4.94 2.27 -7.53
C ASP A 92 -4.54 1.58 -6.23
N ARG A 93 -3.80 0.50 -6.36
CA ARG A 93 -3.48 -0.38 -5.24
C ARG A 93 -2.25 0.11 -4.40
N LYS A 94 -1.43 0.92 -5.03
CA LYS A 94 -0.17 1.40 -4.42
C LYS A 94 0.63 0.29 -3.78
N PHE A 95 0.92 -0.74 -4.56
CA PHE A 95 1.80 -1.82 -4.10
C PHE A 95 3.08 -1.20 -3.48
N ALA A 96 3.49 -1.69 -2.30
CA ALA A 96 4.56 -1.06 -1.49
C ALA A 96 5.23 -1.98 -0.52
N ASP A 97 5.35 -3.23 -0.95
CA ASP A 97 5.96 -4.30 -0.14
C ASP A 97 7.12 -4.93 -0.92
N ILE A 98 7.76 -5.92 -0.32
CA ILE A 98 8.78 -6.73 -1.03
C ILE A 98 8.22 -7.47 -2.23
N GLY A 99 9.11 -7.73 -3.19
CA GLY A 99 8.72 -8.35 -4.48
C GLY A 99 7.89 -9.61 -4.31
N ASN A 100 8.31 -10.47 -3.38
CA ASN A 100 7.67 -11.75 -3.13
C ASN A 100 6.22 -11.62 -2.68
N THR A 101 5.94 -10.60 -1.87
CA THR A 101 4.63 -10.31 -1.37
C THR A 101 3.76 -9.65 -2.45
N VAL A 102 4.25 -8.58 -3.07
CA VAL A 102 3.43 -7.91 -4.11
C VAL A 102 3.02 -8.83 -5.28
N LYS A 103 3.88 -9.77 -5.64
CA LYS A 103 3.55 -10.76 -6.68
C LYS A 103 2.20 -11.48 -6.41
N LYS A 104 2.05 -11.97 -5.19
CA LYS A 104 0.82 -12.64 -4.71
C LYS A 104 -0.36 -11.69 -4.58
N GLN A 105 -0.09 -10.49 -4.07
CA GLN A 105 -1.10 -9.40 -3.95
C GLN A 105 -1.70 -8.94 -5.26
N TYR A 106 -0.91 -9.00 -6.33
CA TYR A 106 -1.33 -8.56 -7.65
C TYR A 106 -2.10 -9.67 -8.38
N GLU A 107 -1.62 -10.90 -8.28
CA GLU A 107 -2.26 -12.05 -8.95
C GLU A 107 -3.45 -12.66 -8.21
N GLY A 108 -3.32 -12.74 -6.89
CA GLY A 108 -4.21 -13.62 -6.10
C GLY A 108 -5.25 -12.98 -5.20
N GLY A 109 -5.63 -13.70 -4.15
CA GLY A 109 -6.68 -13.28 -3.24
C GLY A 109 -8.06 -13.25 -3.89
N ILE A 110 -8.95 -12.55 -3.26
CA ILE A 110 -10.30 -12.39 -3.77
C ILE A 110 -10.29 -11.47 -4.96
N PHE A 111 -9.41 -10.47 -4.98
CA PHE A 111 -9.54 -9.41 -6.01
C PHE A 111 -9.02 -9.77 -7.40
N LYS A 112 -8.00 -10.64 -7.46
CA LYS A 112 -7.33 -11.05 -8.72
C LYS A 112 -7.10 -9.87 -9.66
N ILE A 113 -6.45 -8.86 -9.10
CA ILE A 113 -6.31 -7.54 -9.72
C ILE A 113 -5.70 -7.62 -11.13
N ALA A 114 -4.69 -8.44 -11.30
CA ALA A 114 -4.05 -8.60 -12.63
C ALA A 114 -5.02 -9.09 -13.74
N SER A 115 -6.08 -9.82 -13.37
CA SER A 115 -7.09 -10.32 -14.34
C SER A 115 -7.99 -9.26 -15.00
N TRP A 116 -8.10 -8.07 -14.41
CA TRP A 116 -8.99 -7.03 -14.95
C TRP A 116 -8.38 -5.62 -15.05
N ALA A 117 -7.22 -5.40 -14.41
CA ALA A 117 -6.58 -4.07 -14.39
C ALA A 117 -5.50 -3.93 -15.49
N ASP A 118 -5.76 -3.06 -16.45
CA ASP A 118 -4.80 -2.73 -17.49
C ASP A 118 -3.55 -2.18 -16.83
N LEU A 119 -3.77 -1.33 -15.82
CA LEU A 119 -2.72 -0.63 -15.07
C LEU A 119 -2.89 -0.79 -13.59
N VAL A 120 -1.75 -0.85 -12.91
CA VAL A 120 -1.72 -0.74 -11.47
C VAL A 120 -0.63 0.27 -11.14
N ASN A 121 -0.48 0.57 -9.88
CA ASN A 121 0.63 1.41 -9.45
C ASN A 121 1.40 0.92 -8.23
N ALA A 122 2.57 1.50 -8.05
CA ALA A 122 3.44 1.11 -6.97
C ALA A 122 4.30 2.25 -6.43
N HIS A 123 4.54 2.16 -5.12
CA HIS A 123 5.52 2.98 -4.41
C HIS A 123 6.92 2.42 -4.63
N VAL A 124 7.94 3.28 -4.67
CA VAL A 124 9.32 2.87 -4.97
C VAL A 124 10.17 2.65 -3.73
N VAL A 125 9.62 3.03 -2.57
CA VAL A 125 10.22 2.88 -1.26
C VAL A 125 10.90 1.54 -0.92
N PRO A 126 10.32 0.39 -1.29
CA PRO A 126 11.02 -0.86 -1.07
C PRO A 126 12.25 -1.09 -1.96
N GLY A 127 12.46 -0.25 -2.98
CA GLY A 127 13.51 -0.52 -4.01
C GLY A 127 12.93 -1.33 -5.16
N SER A 128 13.78 -1.64 -6.15
CA SER A 128 13.32 -2.13 -7.46
C SER A 128 12.70 -3.54 -7.43
N GLY A 129 12.89 -4.25 -6.33
CA GLY A 129 12.19 -5.50 -6.04
C GLY A 129 10.67 -5.46 -6.17
N VAL A 130 10.06 -4.33 -5.82
CA VAL A 130 8.60 -4.16 -5.93
C VAL A 130 8.19 -4.24 -7.39
N VAL A 131 9.00 -3.65 -8.28
CA VAL A 131 8.70 -3.69 -9.72
C VAL A 131 8.96 -5.08 -10.31
N LYS A 132 10.08 -5.67 -9.96
CA LYS A 132 10.43 -7.04 -10.43
C LYS A 132 9.36 -8.11 -10.08
N GLY A 133 8.91 -8.08 -8.84
CA GLY A 133 7.82 -8.92 -8.38
C GLY A 133 6.51 -8.71 -9.11
N LEU A 134 6.07 -7.45 -9.27
CA LEU A 134 4.84 -7.21 -10.03
C LEU A 134 5.01 -7.70 -11.48
N GLN A 135 6.16 -7.40 -12.07
CA GLN A 135 6.46 -7.77 -13.48
C GLN A 135 6.26 -9.25 -13.79
N GLU A 136 6.58 -10.11 -12.83
CA GLU A 136 6.49 -11.57 -13.05
C GLU A 136 5.06 -12.03 -13.29
N VAL A 137 4.12 -11.23 -12.77
CA VAL A 137 2.72 -11.39 -13.07
C VAL A 137 2.27 -10.52 -14.24
N GLY A 138 2.66 -9.23 -14.21
CA GLY A 138 2.16 -8.26 -15.19
C GLY A 138 2.61 -8.46 -16.64
N LEU A 139 3.87 -8.82 -16.81
CA LEU A 139 4.42 -9.00 -18.16
C LEU A 139 3.69 -10.12 -18.97
N PRO A 140 3.56 -11.34 -18.43
CA PRO A 140 2.81 -12.37 -19.19
C PRO A 140 1.35 -11.98 -19.47
N LEU A 141 0.73 -11.25 -18.56
CA LEU A 141 -0.64 -10.76 -18.76
C LEU A 141 -0.71 -9.39 -19.52
N HIS A 142 0.42 -8.93 -20.07
CA HIS A 142 0.47 -7.77 -20.97
C HIS A 142 0.00 -6.45 -20.35
N ARG A 143 0.30 -6.31 -19.07
CA ARG A 143 -0.13 -5.21 -18.25
C ARG A 143 0.96 -4.17 -18.11
N GLY A 144 0.55 -3.01 -17.62
CA GLY A 144 1.49 -1.96 -17.25
C GLY A 144 1.39 -1.44 -15.84
N CYS A 145 2.43 -0.72 -15.45
CA CYS A 145 2.61 -0.18 -14.12
C CYS A 145 3.02 1.28 -14.15
N LEU A 146 2.49 2.03 -13.17
CA LEU A 146 2.86 3.41 -12.95
C LEU A 146 3.61 3.51 -11.62
N LEU A 147 4.67 4.28 -11.57
CA LEU A 147 5.43 4.45 -10.31
C LEU A 147 5.14 5.83 -9.68
N ILE A 148 5.03 5.85 -8.36
CA ILE A 148 4.54 7.00 -7.66
C ILE A 148 5.76 7.88 -7.33
N ALA A 149 5.99 8.92 -8.13
CA ALA A 149 7.22 9.75 -8.02
C ALA A 149 7.06 10.97 -7.11
N GLU A 150 5.81 11.45 -7.03
CA GLU A 150 5.43 12.53 -6.16
C GLU A 150 4.02 12.20 -5.67
N MET A 151 3.68 12.76 -4.52
CA MET A 151 2.28 12.71 -4.00
C MET A 151 1.74 14.11 -3.76
N SER A 152 0.42 14.18 -3.83
CA SER A 152 -0.33 15.41 -3.73
C SER A 152 -0.53 15.95 -2.30
N SER A 153 -0.24 15.12 -1.32
CA SER A 153 -0.65 15.40 0.05
C SER A 153 0.37 16.18 0.87
N THR A 154 -0.08 16.86 1.91
CA THR A 154 0.83 17.75 2.66
C THR A 154 1.79 16.94 3.56
N GLY A 155 3.06 17.30 3.45
CA GLY A 155 4.13 16.57 4.14
C GLY A 155 4.66 15.36 3.36
N SER A 156 4.20 15.16 2.11
CA SER A 156 4.74 14.12 1.22
C SER A 156 6.26 14.04 1.23
N LEU A 157 6.78 12.83 1.44
CA LEU A 157 8.25 12.57 1.40
C LEU A 157 8.77 12.22 0.01
N ALA A 158 7.89 12.21 -1.01
CA ALA A 158 8.29 11.86 -2.38
C ALA A 158 8.80 13.10 -3.08
N THR A 159 9.99 13.48 -2.67
CA THR A 159 10.63 14.67 -3.18
C THR A 159 12.09 14.41 -3.40
N GLY A 160 12.73 15.32 -4.12
CA GLY A 160 14.19 15.22 -4.39
C GLY A 160 14.70 13.89 -4.87
N ASP A 161 15.63 13.30 -4.11
CA ASP A 161 16.32 12.09 -4.51
C ASP A 161 15.39 10.87 -4.58
N TYR A 162 14.33 10.92 -3.79
CA TYR A 162 13.27 9.91 -3.84
C TYR A 162 12.61 10.01 -5.23
N THR A 163 12.24 11.21 -5.65
CA THR A 163 11.68 11.41 -7.00
C THR A 163 12.59 10.92 -8.11
N ARG A 164 13.84 11.34 -8.09
CA ARG A 164 14.84 10.83 -9.02
C ARG A 164 14.99 9.32 -8.98
N ALA A 165 14.96 8.74 -7.79
CA ALA A 165 15.06 7.31 -7.66
C ALA A 165 13.86 6.63 -8.36
N ALA A 166 12.67 7.22 -8.25
CA ALA A 166 11.48 6.77 -8.95
C ALA A 166 11.66 6.83 -10.49
N VAL A 167 12.26 7.92 -10.97
CA VAL A 167 12.46 8.08 -12.41
C VAL A 167 13.42 7.04 -12.98
N ARG A 168 14.51 6.78 -12.26
CA ARG A 168 15.51 5.77 -12.65
C ARG A 168 14.90 4.40 -12.78
N MET A 169 14.03 4.08 -11.83
CA MET A 169 13.48 2.75 -11.71
C MET A 169 12.55 2.47 -12.88
N ALA A 170 11.77 3.50 -13.24
CA ALA A 170 10.86 3.42 -14.38
C ALA A 170 11.64 3.24 -15.67
N GLU A 171 12.69 4.03 -15.84
CA GLU A 171 13.56 3.95 -17.02
C GLU A 171 14.28 2.65 -17.15
N GLU A 172 14.56 1.99 -16.02
CA GLU A 172 15.29 0.73 -16.06
C GLU A 172 14.36 -0.45 -16.13
N HIS A 173 13.06 -0.20 -16.22
CA HIS A 173 12.06 -1.26 -16.26
C HIS A 173 10.97 -0.87 -17.21
N SER A 174 11.38 -0.40 -18.39
CA SER A 174 10.45 0.16 -19.34
C SER A 174 9.60 -0.91 -20.03
N GLU A 175 9.95 -2.18 -19.89
CA GLU A 175 9.11 -3.21 -20.47
C GLU A 175 7.77 -3.39 -19.72
N PHE A 176 7.71 -2.89 -18.49
CA PHE A 176 6.50 -2.98 -17.66
C PHE A 176 6.02 -1.61 -17.10
N VAL A 177 6.97 -0.72 -16.84
CA VAL A 177 6.63 0.59 -16.32
C VAL A 177 6.31 1.57 -17.47
N VAL A 178 5.12 2.17 -17.46
CA VAL A 178 4.66 2.97 -18.57
C VAL A 178 4.57 4.45 -18.20
N GLY A 179 4.91 4.78 -16.95
CA GLY A 179 4.76 6.17 -16.52
C GLY A 179 4.70 6.33 -15.03
N PHE A 180 4.22 7.51 -14.62
CA PHE A 180 4.26 7.97 -13.24
C PHE A 180 2.93 8.53 -12.71
N ILE A 181 2.79 8.47 -11.38
CA ILE A 181 1.88 9.34 -10.66
C ILE A 181 2.77 10.47 -10.09
N SER A 182 2.48 11.68 -10.46
CA SER A 182 3.34 12.83 -10.14
C SER A 182 2.55 14.12 -10.21
N GLY A 183 3.15 15.17 -9.66
CA GLY A 183 2.56 16.53 -9.69
C GLY A 183 2.95 17.32 -10.93
N SER A 184 4.01 16.89 -11.60
CA SER A 184 4.51 17.51 -12.80
C SER A 184 5.21 16.48 -13.68
N ARG A 185 5.67 16.92 -14.84
CA ARG A 185 6.60 16.16 -15.64
C ARG A 185 7.88 15.92 -14.80
N VAL A 186 8.26 14.66 -14.64
CA VAL A 186 9.49 14.27 -13.93
C VAL A 186 10.47 13.55 -14.87
N SER A 187 9.98 12.98 -15.97
CA SER A 187 10.87 12.37 -16.96
C SER A 187 10.81 13.16 -18.24
N MET A 188 11.96 13.28 -18.89
CA MET A 188 12.02 13.90 -20.21
C MET A 188 11.79 12.90 -21.39
N LYS A 189 11.47 11.66 -21.09
CA LYS A 189 11.31 10.66 -22.13
C LYS A 189 9.85 10.61 -22.49
N PRO A 190 9.52 10.86 -23.77
CA PRO A 190 8.13 10.97 -24.23
C PRO A 190 7.31 9.65 -24.19
N GLU A 191 7.97 8.50 -24.04
CA GLU A 191 7.27 7.24 -23.90
C GLU A 191 6.55 7.06 -22.56
N PHE A 192 6.91 7.89 -21.57
CA PHE A 192 6.31 7.76 -20.25
C PHE A 192 5.12 8.69 -20.10
N LEU A 193 4.04 8.17 -19.51
CA LEU A 193 2.89 8.97 -19.16
C LEU A 193 3.12 9.64 -17.81
N HIS A 194 2.56 10.85 -17.67
CA HIS A 194 2.41 11.53 -16.36
C HIS A 194 0.95 11.73 -16.01
N LEU A 195 0.56 11.16 -14.88
CA LEU A 195 -0.77 11.28 -14.38
C LEU A 195 -0.76 12.00 -13.01
N THR A 196 -1.58 13.02 -12.88
CA THR A 196 -1.52 13.90 -11.72
C THR A 196 -2.88 13.96 -11.02
N PRO A 197 -2.93 13.45 -9.78
CA PRO A 197 -4.07 13.62 -8.86
C PRO A 197 -3.95 14.92 -8.08
N GLY A 198 -4.96 15.16 -7.24
CA GLY A 198 -5.00 16.39 -6.42
C GLY A 198 -5.35 17.52 -7.34
N VAL A 199 -6.44 17.34 -8.09
CA VAL A 199 -6.84 18.29 -9.09
C VAL A 199 -8.31 18.73 -8.84
N GLN A 200 -8.55 20.04 -8.82
CA GLN A 200 -9.93 20.62 -8.87
C GLN A 200 -9.85 21.98 -9.55
N LEU A 201 -10.96 22.46 -10.06
CA LEU A 201 -11.03 23.76 -10.69
C LEU A 201 -10.83 24.88 -9.67
N GLU A 202 -11.43 24.72 -8.51
CA GLU A 202 -11.35 25.69 -7.44
C GLU A 202 -10.14 25.37 -6.53
N ALA A 203 -9.54 26.40 -5.95
CA ALA A 203 -8.48 26.23 -4.93
C ALA A 203 -9.06 25.58 -3.68
N GLY A 204 -8.24 24.76 -3.03
CA GLY A 204 -8.57 24.20 -1.73
C GLY A 204 -7.88 22.87 -1.47
N GLY A 205 -8.54 22.09 -0.62
CA GLY A 205 -8.00 20.82 -0.11
C GLY A 205 -9.08 20.07 0.66
N ASP A 206 -8.69 19.07 1.45
CA ASP A 206 -9.59 18.47 2.43
C ASP A 206 -9.02 18.58 3.85
N ASN A 207 -9.71 17.99 4.81
CA ASN A 207 -9.31 18.01 6.21
C ASN A 207 -8.26 16.94 6.56
N LEU A 208 -7.76 16.20 5.57
CA LEU A 208 -6.79 15.11 5.77
C LEU A 208 -5.61 15.18 4.78
N GLY A 209 -5.17 16.41 4.50
CA GLY A 209 -3.88 16.64 3.86
C GLY A 209 -3.87 16.77 2.35
N GLN A 210 -5.00 16.58 1.71
CA GLN A 210 -5.04 16.72 0.26
C GLN A 210 -4.91 18.19 -0.10
N GLN A 211 -4.26 18.49 -1.22
CA GLN A 211 -4.08 19.84 -1.73
C GLN A 211 -4.44 19.78 -3.22
N TYR A 212 -5.20 20.77 -3.69
CA TYR A 212 -5.67 20.83 -5.09
C TYR A 212 -4.95 21.91 -5.89
N ASN A 213 -4.75 21.62 -7.17
CA ASN A 213 -4.32 22.59 -8.18
C ASN A 213 -5.22 22.38 -9.42
N SER A 214 -5.30 23.38 -10.26
CA SER A 214 -6.18 23.33 -11.39
C SER A 214 -5.58 22.52 -12.55
N PRO A 215 -6.42 22.05 -13.48
CA PRO A 215 -5.97 21.39 -14.71
C PRO A 215 -4.98 22.23 -15.56
N GLN A 216 -5.19 23.55 -15.66
CA GLN A 216 -4.33 24.45 -16.39
C GLN A 216 -2.94 24.48 -15.78
N GLU A 217 -2.90 24.50 -14.47
CA GLU A 217 -1.65 24.48 -13.73
C GLU A 217 -0.91 23.20 -13.99
N VAL A 218 -1.61 22.09 -13.78
CA VAL A 218 -1.03 20.77 -13.82
C VAL A 218 -0.61 20.29 -15.22
N ILE A 219 -1.51 20.42 -16.20
CA ILE A 219 -1.25 19.99 -17.56
C ILE A 219 -0.46 21.06 -18.33
N GLY A 220 -0.77 22.34 -18.08
CA GLY A 220 -0.26 23.48 -18.83
C GLY A 220 1.09 23.95 -18.30
N LYS A 221 1.18 24.32 -17.04
CA LYS A 221 2.42 24.89 -16.51
C LYS A 221 3.42 23.84 -16.02
N ARG A 222 2.90 22.73 -15.50
CA ARG A 222 3.71 21.66 -14.93
C ARG A 222 3.98 20.48 -15.90
N GLY A 223 3.26 20.44 -17.02
CA GLY A 223 3.57 19.55 -18.12
C GLY A 223 3.17 18.07 -18.01
N SER A 224 2.26 17.76 -17.10
CA SER A 224 1.68 16.42 -16.96
C SER A 224 0.73 16.09 -18.13
N ASP A 225 0.37 14.82 -18.29
CA ASP A 225 -0.46 14.41 -19.42
C ASP A 225 -1.91 14.27 -19.10
N ILE A 226 -2.22 13.85 -17.89
CA ILE A 226 -3.56 13.33 -17.56
C ILE A 226 -3.87 13.79 -16.16
N ILE A 227 -5.11 14.23 -15.95
CA ILE A 227 -5.58 14.56 -14.59
C ILE A 227 -6.45 13.43 -14.03
N ILE A 228 -6.27 13.16 -12.73
CA ILE A 228 -7.06 12.23 -11.93
C ILE A 228 -7.93 13.06 -11.00
N VAL A 229 -9.23 12.90 -11.13
CA VAL A 229 -10.18 13.74 -10.38
C VAL A 229 -11.20 12.85 -9.77
N GLY A 230 -11.41 13.01 -8.45
CA GLY A 230 -12.43 12.26 -7.72
C GLY A 230 -13.58 13.14 -7.26
N ARG A 231 -13.47 13.66 -6.05
CA ARG A 231 -14.59 14.45 -5.46
C ARG A 231 -15.00 15.64 -6.32
N GLY A 232 -14.06 16.25 -7.03
CA GLY A 232 -14.38 17.36 -7.98
C GLY A 232 -15.49 17.00 -8.96
N ILE A 233 -15.51 15.73 -9.33
CA ILE A 233 -16.61 15.16 -10.14
C ILE A 233 -17.65 14.45 -9.26
N ILE A 234 -17.23 13.57 -8.37
CA ILE A 234 -18.16 12.64 -7.70
C ILE A 234 -19.07 13.40 -6.71
N SER A 235 -18.54 14.44 -6.08
CA SER A 235 -19.42 15.18 -5.17
C SER A 235 -20.37 16.18 -5.88
N ALA A 236 -20.07 16.53 -7.14
CA ALA A 236 -20.93 17.45 -7.92
C ALA A 236 -22.28 16.81 -8.14
N ALA A 237 -23.27 17.64 -8.39
CA ALA A 237 -24.63 17.13 -8.57
C ALA A 237 -24.80 16.44 -9.93
N ASP A 238 -24.37 17.09 -11.02
CA ASP A 238 -24.37 16.50 -12.33
C ASP A 238 -22.91 16.04 -12.57
N ARG A 239 -22.67 14.75 -12.36
CA ARG A 239 -21.32 14.16 -12.52
C ARG A 239 -20.91 14.15 -14.01
N LEU A 240 -21.88 14.01 -14.91
CA LEU A 240 -21.61 14.08 -16.35
C LEU A 240 -21.09 15.45 -16.82
N GLU A 241 -21.84 16.52 -16.56
CA GLU A 241 -21.36 17.87 -16.87
C GLU A 241 -20.02 18.17 -16.17
N ALA A 242 -19.83 17.66 -14.94
CA ALA A 242 -18.62 17.95 -14.20
C ALA A 242 -17.44 17.25 -14.91
N ALA A 243 -17.65 16.02 -15.34
CA ALA A 243 -16.63 15.30 -16.12
C ALA A 243 -16.29 16.05 -17.42
N GLU A 244 -17.32 16.53 -18.11
CA GLU A 244 -17.11 17.33 -19.32
C GLU A 244 -16.29 18.60 -19.07
N MET A 245 -16.60 19.29 -18.00
CA MET A 245 -15.86 20.45 -17.61
C MET A 245 -14.38 20.12 -17.37
N TYR A 246 -14.12 19.03 -16.64
CA TYR A 246 -12.73 18.66 -16.35
C TYR A 246 -12.01 18.22 -17.60
N ARG A 247 -12.73 17.49 -18.46
CA ARG A 247 -12.17 17.03 -19.72
C ARG A 247 -11.76 18.20 -20.62
N LYS A 248 -12.64 19.19 -20.76
CA LYS A 248 -12.37 20.27 -21.68
C LYS A 248 -11.24 21.12 -21.13
N ALA A 249 -11.19 21.27 -19.80
CA ALA A 249 -10.11 21.95 -19.10
C ALA A 249 -8.74 21.30 -19.39
N ALA A 250 -8.64 19.98 -19.17
CA ALA A 250 -7.38 19.25 -19.33
C ALA A 250 -6.97 19.16 -20.83
N TRP A 251 -7.96 18.95 -21.72
CA TRP A 251 -7.70 18.90 -23.15
C TRP A 251 -7.18 20.22 -23.77
N GLU A 252 -7.78 21.34 -23.42
CA GLU A 252 -7.34 22.64 -23.95
CA GLU A 252 -7.34 22.64 -23.92
C GLU A 252 -5.97 23.00 -23.39
N ALA A 253 -5.73 22.64 -22.13
CA ALA A 253 -4.45 22.92 -21.49
C ALA A 253 -3.35 22.18 -22.28
N TYR A 254 -3.68 20.96 -22.68
CA TYR A 254 -2.80 20.10 -23.45
C TYR A 254 -2.54 20.76 -24.84
N LEU A 255 -3.60 21.07 -25.58
CA LEU A 255 -3.48 21.67 -26.92
C LEU A 255 -2.68 22.97 -26.90
N SER A 256 -2.90 23.75 -25.87
CA SER A 256 -2.23 25.03 -25.76
C SER A 256 -0.75 24.83 -25.46
N ARG A 257 -0.41 23.80 -24.71
CA ARG A 257 1.00 23.47 -24.43
C ARG A 257 1.67 23.02 -25.73
N LEU A 258 0.97 22.20 -26.51
CA LEU A 258 1.31 21.95 -27.91
C LEU A 258 1.09 23.30 -28.64
N GLU B 4 16.93 0.38 30.79
CA GLU B 4 16.43 -0.72 29.91
C GLU B 4 15.57 -1.72 30.71
N LEU B 5 14.31 -1.82 30.32
CA LEU B 5 13.28 -2.48 31.08
C LEU B 5 12.89 -3.75 30.33
N SER B 6 12.51 -4.77 31.08
CA SER B 6 11.81 -5.95 30.55
C SER B 6 10.50 -5.59 29.83
N PHE B 7 10.03 -6.49 28.97
CA PHE B 7 8.72 -6.30 28.35
C PHE B 7 7.63 -6.06 29.41
N GLY B 8 7.67 -6.82 30.49
CA GLY B 8 6.60 -6.74 31.49
C GLY B 8 6.53 -5.38 32.14
N ALA B 9 7.70 -4.82 32.49
CA ALA B 9 7.82 -3.44 32.98
C ALA B 9 7.36 -2.39 31.96
N ARG B 10 7.76 -2.52 30.69
CA ARG B 10 7.39 -1.58 29.62
C ARG B 10 5.87 -1.49 29.46
N ALA B 11 5.19 -2.61 29.77
CA ALA B 11 3.74 -2.71 29.71
C ALA B 11 3.01 -1.74 30.65
N GLU B 12 3.67 -1.33 31.72
CA GLU B 12 3.11 -0.40 32.68
C GLU B 12 3.61 1.02 32.53
N LEU B 13 4.39 1.32 31.49
CA LEU B 13 4.89 2.67 31.29
C LEU B 13 3.70 3.63 31.16
N PRO B 14 3.82 4.83 31.76
CA PRO B 14 2.75 5.85 31.80
C PRO B 14 2.11 6.19 30.44
N ARG B 15 2.93 6.36 29.43
CA ARG B 15 2.46 6.81 28.10
C ARG B 15 2.12 5.63 27.19
N ILE B 16 2.15 4.41 27.72
CA ILE B 16 1.99 3.19 26.90
C ILE B 16 0.55 3.13 26.33
N HIS B 17 0.43 2.68 25.08
CA HIS B 17 -0.88 2.41 24.45
C HIS B 17 -1.48 1.10 24.96
N PRO B 18 -2.79 1.04 25.19
CA PRO B 18 -3.42 -0.17 25.70
C PRO B 18 -3.12 -1.42 24.89
N VAL B 19 -3.00 -1.27 23.57
CA VAL B 19 -2.68 -2.38 22.67
C VAL B 19 -1.22 -2.82 22.91
N ALA B 20 -0.33 -1.84 23.02
CA ALA B 20 1.07 -2.15 23.28
C ALA B 20 1.23 -2.81 24.64
N SER B 21 0.47 -2.32 25.62
CA SER B 21 0.48 -2.89 26.96
C SER B 21 0.00 -4.36 26.99
N LYS B 22 -1.09 -4.62 26.29
CA LYS B 22 -1.58 -6.02 26.10
C LYS B 22 -0.55 -6.94 25.48
N LEU B 23 0.15 -6.47 24.44
CA LEU B 23 1.17 -7.27 23.78
C LEU B 23 2.33 -7.54 24.73
N LEU B 24 2.81 -6.48 25.35
CA LEU B 24 4.01 -6.55 26.15
C LEU B 24 3.79 -7.55 27.30
N ARG B 25 2.59 -7.52 27.89
CA ARG B 25 2.23 -8.47 28.99
C ARG B 25 2.26 -9.94 28.56
N LEU B 26 1.62 -10.24 27.43
CA LEU B 26 1.61 -11.61 26.90
C LEU B 26 2.99 -12.04 26.43
N MET B 27 3.80 -11.11 25.95
CA MET B 27 5.19 -11.43 25.58
C MET B 27 5.97 -11.93 26.78
N GLN B 28 5.97 -11.13 27.84
CA GLN B 28 6.57 -11.51 29.14
C GLN B 28 6.09 -12.87 29.68
N LYS B 29 4.77 -13.00 29.82
CA LYS B 29 4.09 -14.22 30.27
C LYS B 29 4.47 -15.50 29.48
N LYS B 30 4.46 -15.39 28.16
CA LYS B 30 4.61 -16.57 27.27
C LYS B 30 6.06 -16.80 26.86
N GLU B 31 6.93 -15.85 27.16
CA GLU B 31 8.33 -15.90 26.73
C GLU B 31 8.48 -15.96 25.22
N THR B 32 7.80 -15.04 24.55
CA THR B 32 7.90 -14.95 23.11
C THR B 32 7.90 -13.52 22.61
N ASN B 33 8.84 -13.25 21.74
CA ASN B 33 8.89 -12.05 20.95
C ASN B 33 8.99 -12.38 19.46
N LEU B 34 8.26 -13.43 19.05
CA LEU B 34 8.20 -13.92 17.69
C LEU B 34 6.80 -13.56 17.14
N CYS B 35 6.77 -12.89 15.99
CA CYS B 35 5.56 -12.66 15.19
C CYS B 35 5.60 -13.55 13.95
N LEU B 36 4.65 -14.49 13.84
CA LEU B 36 4.53 -15.31 12.65
C LEU B 36 4.01 -14.47 11.50
N SER B 37 4.73 -14.50 10.38
CA SER B 37 4.20 -13.96 9.12
C SER B 37 3.49 -15.08 8.34
N ALA B 38 2.18 -15.18 8.56
CA ALA B 38 1.38 -16.25 8.01
C ALA B 38 1.12 -16.07 6.56
N ASP B 39 2.15 -16.22 5.75
CA ASP B 39 2.05 -15.86 4.35
C ASP B 39 1.58 -17.04 3.53
N VAL B 40 0.27 -17.34 3.62
CA VAL B 40 -0.37 -18.50 2.96
C VAL B 40 -1.62 -18.05 2.23
N SER B 41 -2.07 -18.83 1.24
CA SER B 41 -3.27 -18.48 0.48
C SER B 41 -4.55 -19.28 0.83
N LEU B 42 -4.45 -20.26 1.73
CA LEU B 42 -5.61 -21.05 2.18
C LEU B 42 -6.04 -20.75 3.62
N ALA B 43 -7.32 -20.49 3.80
CA ALA B 43 -7.86 -20.19 5.13
C ALA B 43 -7.66 -21.38 6.06
N ARG B 44 -7.84 -22.61 5.56
CA ARG B 44 -7.61 -23.76 6.44
C ARG B 44 -6.16 -23.79 6.90
N GLU B 45 -5.21 -23.45 6.04
CA GLU B 45 -3.79 -23.47 6.46
C GLU B 45 -3.45 -22.37 7.48
N LEU B 46 -3.97 -21.19 7.24
CA LEU B 46 -3.84 -20.09 8.19
C LEU B 46 -4.33 -20.50 9.58
N LEU B 47 -5.54 -21.08 9.64
CA LEU B 47 -6.12 -21.37 10.94
C LEU B 47 -5.43 -22.52 11.63
N GLN B 48 -4.90 -23.49 10.87
CA GLN B 48 -4.16 -24.59 11.51
C GLN B 48 -2.80 -24.11 12.02
N LEU B 49 -2.14 -23.21 11.29
CA LEU B 49 -0.91 -22.58 11.78
C LEU B 49 -1.18 -21.75 13.05
N ALA B 50 -2.20 -20.90 13.00
CA ALA B 50 -2.57 -20.09 14.16
C ALA B 50 -2.89 -20.94 15.42
N ASP B 51 -3.55 -22.07 15.24
CA ASP B 51 -3.84 -22.93 16.41
C ASP B 51 -2.55 -23.63 16.90
N ALA B 52 -1.76 -24.19 15.99
CA ALA B 52 -0.54 -24.98 16.42
C ALA B 52 0.60 -24.09 16.93
N LEU B 53 0.74 -22.92 16.35
CA LEU B 53 1.87 -21.99 16.65
C LEU B 53 1.49 -20.92 17.65
N GLY B 54 0.18 -20.79 17.91
CA GLY B 54 -0.36 -19.77 18.77
C GLY B 54 0.36 -19.68 20.13
N PRO B 55 0.59 -20.81 20.80
CA PRO B 55 1.34 -20.73 22.06
C PRO B 55 2.79 -20.22 22.01
N SER B 56 3.42 -20.30 20.84
CA SER B 56 4.80 -19.89 20.60
C SER B 56 4.98 -18.43 20.15
N ILE B 57 3.87 -17.73 19.83
CA ILE B 57 3.94 -16.43 19.19
C ILE B 57 3.28 -15.34 20.02
N CYS B 58 3.80 -14.13 19.90
CA CYS B 58 3.13 -12.95 20.51
C CYS B 58 2.13 -12.29 19.52
N MET B 59 2.27 -12.59 18.25
CA MET B 59 1.51 -11.91 17.17
C MET B 59 1.50 -12.78 15.91
N LEU B 60 0.41 -12.67 15.16
CA LEU B 60 0.25 -13.32 13.85
C LEU B 60 0.00 -12.19 12.87
N LYS B 61 0.90 -12.07 11.90
CA LYS B 61 0.80 -11.07 10.86
C LYS B 61 0.18 -11.69 9.62
N THR B 62 -0.83 -11.00 9.08
CA THR B 62 -1.59 -11.45 7.91
C THR B 62 -1.34 -10.57 6.69
N HIS B 63 -1.52 -11.15 5.50
CA HIS B 63 -1.84 -10.40 4.32
C HIS B 63 -3.20 -10.94 3.84
N VAL B 64 -4.29 -10.39 4.35
CA VAL B 64 -5.62 -10.94 4.01
C VAL B 64 -5.88 -10.91 2.49
N ASP B 65 -5.16 -10.04 1.79
CA ASP B 65 -5.38 -9.81 0.36
C ASP B 65 -4.76 -10.90 -0.50
N ILE B 66 -4.03 -11.83 0.11
CA ILE B 66 -3.59 -13.02 -0.60
C ILE B 66 -4.38 -14.34 -0.29
N LEU B 67 -5.32 -14.26 0.63
CA LEU B 67 -6.14 -15.38 1.04
C LEU B 67 -7.19 -15.66 -0.06
N ASN B 68 -7.09 -16.81 -0.72
CA ASN B 68 -7.99 -17.11 -1.83
C ASN B 68 -9.41 -17.33 -1.43
N ASP B 69 -9.62 -17.75 -0.19
CA ASP B 69 -10.95 -18.06 0.31
C ASP B 69 -11.28 -17.23 1.55
N PHE B 70 -10.90 -15.96 1.52
CA PHE B 70 -11.27 -15.06 2.60
C PHE B 70 -12.81 -14.94 2.79
N THR B 71 -13.25 -15.08 4.04
CA THR B 71 -14.52 -14.57 4.49
C THR B 71 -14.33 -13.91 5.87
N LEU B 72 -15.27 -13.09 6.28
CA LEU B 72 -15.20 -12.52 7.64
C LEU B 72 -15.30 -13.62 8.69
N ASP B 73 -16.01 -14.71 8.37
CA ASP B 73 -16.03 -15.89 9.24
C ASP B 73 -14.66 -16.47 9.51
N VAL B 74 -13.83 -16.50 8.49
CA VAL B 74 -12.46 -16.97 8.67
C VAL B 74 -11.80 -16.09 9.72
N MET B 75 -11.98 -14.78 9.62
CA MET B 75 -11.40 -13.86 10.63
C MET B 75 -12.02 -14.06 12.02
N LYS B 76 -13.32 -14.35 12.10
CA LYS B 76 -13.96 -14.73 13.37
C LYS B 76 -13.19 -15.88 14.07
N GLU B 77 -12.93 -16.95 13.31
CA GLU B 77 -12.22 -18.13 13.76
C GLU B 77 -10.76 -17.80 14.16
N LEU B 78 -10.10 -16.97 13.38
CA LEU B 78 -8.78 -16.49 13.80
C LEU B 78 -8.82 -15.71 15.14
N ILE B 79 -9.81 -14.83 15.32
CA ILE B 79 -9.94 -14.12 16.61
C ILE B 79 -10.11 -15.09 17.78
N THR B 80 -10.92 -16.12 17.59
CA THR B 80 -11.12 -17.12 18.64
C THR B 80 -9.78 -17.74 19.04
N LEU B 81 -8.99 -18.08 18.04
CA LEU B 81 -7.67 -18.64 18.31
C LEU B 81 -6.71 -17.63 18.98
N ALA B 82 -6.70 -16.40 18.50
CA ALA B 82 -5.89 -15.31 19.07
C ALA B 82 -6.19 -15.08 20.60
N LYS B 83 -7.48 -15.15 20.94
CA LYS B 83 -7.93 -15.05 22.33
C LYS B 83 -7.54 -16.31 23.15
N CYS B 84 -7.77 -17.48 22.57
CA CYS B 84 -7.46 -18.77 23.21
C CYS B 84 -5.98 -18.80 23.57
N HIS B 85 -5.14 -18.46 22.60
CA HIS B 85 -3.68 -18.67 22.76
C HIS B 85 -2.91 -17.43 23.20
N GLU B 86 -3.62 -16.29 23.23
CA GLU B 86 -3.06 -14.98 23.57
C GLU B 86 -1.98 -14.48 22.61
N PHE B 87 -2.40 -14.05 21.41
CA PHE B 87 -1.54 -13.27 20.54
C PHE B 87 -2.39 -12.16 19.86
N LEU B 88 -1.73 -11.13 19.34
CA LEU B 88 -2.43 -10.10 18.62
C LEU B 88 -2.47 -10.43 17.14
N ILE B 89 -3.44 -9.87 16.46
CA ILE B 89 -3.56 -9.99 15.02
C ILE B 89 -3.10 -8.67 14.40
N PHE B 90 -2.16 -8.81 13.47
CA PHE B 90 -1.55 -7.69 12.75
C PHE B 90 -1.76 -7.86 11.22
N GLU B 91 -2.61 -7.02 10.64
CA GLU B 91 -2.78 -6.94 9.17
C GLU B 91 -1.76 -6.00 8.52
N ASP B 92 -0.91 -6.63 7.72
CA ASP B 92 0.23 -6.00 7.06
C ASP B 92 -0.23 -5.39 5.74
N ARG B 93 -1.13 -4.42 5.84
CA ARG B 93 -1.74 -3.77 4.69
C ARG B 93 -0.83 -2.70 4.10
N LYS B 94 0.09 -2.14 4.91
CA LYS B 94 0.96 -1.05 4.45
C LYS B 94 0.17 0.09 3.75
N PHE B 95 -0.81 0.65 4.49
CA PHE B 95 -1.57 1.84 4.06
C PHE B 95 -0.54 2.91 3.63
N ALA B 96 -0.81 3.49 2.47
CA ALA B 96 0.16 4.34 1.75
C ALA B 96 -0.49 5.32 0.79
N ASP B 97 -1.64 5.85 1.20
CA ASP B 97 -2.41 6.76 0.34
C ASP B 97 -2.79 8.01 1.17
N ILE B 98 -3.47 8.95 0.54
CA ILE B 98 -4.00 10.10 1.24
C ILE B 98 -4.98 9.71 2.34
N GLY B 99 -5.01 10.55 3.38
CA GLY B 99 -5.85 10.32 4.59
C GLY B 99 -7.28 9.97 4.24
N ASN B 100 -7.85 10.69 3.30
CA ASN B 100 -9.25 10.40 2.91
C ASN B 100 -9.47 8.98 2.34
N THR B 101 -8.48 8.46 1.60
CA THR B 101 -8.54 7.14 0.98
C THR B 101 -8.32 6.02 1.99
N VAL B 102 -7.23 6.10 2.76
CA VAL B 102 -6.89 5.06 3.71
C VAL B 102 -7.96 4.86 4.80
N LYS B 103 -8.66 5.91 5.21
CA LYS B 103 -9.74 5.73 6.18
CA LYS B 103 -9.78 5.80 6.15
C LYS B 103 -10.80 4.75 5.67
N LYS B 104 -11.10 4.76 4.38
CA LYS B 104 -12.10 3.84 3.81
C LYS B 104 -11.53 2.42 3.59
N GLN B 105 -10.27 2.37 3.20
CA GLN B 105 -9.60 1.11 2.99
C GLN B 105 -9.47 0.35 4.30
N TYR B 106 -9.31 1.07 5.40
CA TYR B 106 -9.19 0.48 6.75
C TYR B 106 -10.52 -0.06 7.31
N GLU B 107 -11.57 0.72 7.14
CA GLU B 107 -12.86 0.49 7.75
C GLU B 107 -13.74 -0.39 6.89
N GLY B 108 -13.69 -0.15 5.57
CA GLY B 108 -14.75 -0.63 4.69
C GLY B 108 -14.33 -1.74 3.77
N GLY B 109 -14.99 -1.81 2.62
CA GLY B 109 -14.72 -2.81 1.60
C GLY B 109 -15.11 -4.20 2.08
N ILE B 110 -14.55 -5.22 1.46
CA ILE B 110 -14.92 -6.60 1.79
C ILE B 110 -14.19 -7.07 3.02
N PHE B 111 -13.00 -6.53 3.25
CA PHE B 111 -12.15 -7.05 4.31
C PHE B 111 -12.52 -6.51 5.72
N LYS B 112 -13.06 -5.31 5.79
CA LYS B 112 -13.36 -4.62 7.06
C LYS B 112 -12.22 -4.82 8.06
N ILE B 113 -11.01 -4.47 7.61
CA ILE B 113 -9.79 -4.69 8.44
C ILE B 113 -9.92 -4.21 9.90
N ALA B 114 -10.51 -3.03 10.12
CA ALA B 114 -10.55 -2.42 11.47
C ALA B 114 -11.34 -3.24 12.46
N SER B 115 -12.31 -3.99 11.94
CA SER B 115 -13.16 -4.83 12.77
C SER B 115 -12.47 -6.03 13.42
N TRP B 116 -11.38 -6.51 12.82
CA TRP B 116 -10.64 -7.64 13.36
C TRP B 116 -9.11 -7.48 13.62
N ALA B 117 -8.45 -6.47 13.05
CA ALA B 117 -7.01 -6.34 13.21
C ALA B 117 -6.72 -5.47 14.45
N ASP B 118 -6.02 -6.02 15.43
CA ASP B 118 -5.58 -5.22 16.60
C ASP B 118 -4.63 -4.11 16.09
N LEU B 119 -3.77 -4.48 15.15
CA LEU B 119 -2.69 -3.63 14.65
C LEU B 119 -2.68 -3.61 13.14
N VAL B 120 -2.34 -2.46 12.56
CA VAL B 120 -2.05 -2.33 11.14
C VAL B 120 -0.77 -1.52 11.01
N ASN B 121 -0.23 -1.42 9.80
CA ASN B 121 0.96 -0.57 9.55
C ASN B 121 0.69 0.40 8.42
N ALA B 122 1.55 1.40 8.27
CA ALA B 122 1.37 2.44 7.28
C ALA B 122 2.74 2.91 6.83
N HIS B 123 2.87 3.24 5.55
CA HIS B 123 4.07 3.94 5.06
C HIS B 123 3.94 5.42 5.36
N VAL B 124 5.06 6.11 5.62
CA VAL B 124 4.99 7.52 5.94
C VAL B 124 5.11 8.46 4.70
N VAL B 125 5.31 7.92 3.50
CA VAL B 125 5.55 8.76 2.31
C VAL B 125 4.44 9.74 2.00
N PRO B 126 3.19 9.43 2.37
CA PRO B 126 2.17 10.45 2.11
C PRO B 126 2.20 11.68 2.99
N GLY B 127 3.03 11.70 4.04
CA GLY B 127 2.94 12.75 5.04
C GLY B 127 1.94 12.32 6.09
N SER B 128 1.80 13.09 7.17
CA SER B 128 1.07 12.63 8.38
C SER B 128 -0.43 12.44 8.20
N GLY B 129 -0.97 12.94 7.11
CA GLY B 129 -2.38 12.70 6.76
C GLY B 129 -2.77 11.21 6.71
N VAL B 130 -1.83 10.32 6.36
CA VAL B 130 -2.09 8.88 6.30
C VAL B 130 -2.44 8.34 7.70
N VAL B 131 -1.73 8.87 8.68
CA VAL B 131 -1.97 8.51 10.07
C VAL B 131 -3.26 9.14 10.59
N LYS B 132 -3.51 10.40 10.23
CA LYS B 132 -4.72 11.11 10.72
C LYS B 132 -5.94 10.44 10.13
N GLY B 133 -5.87 9.98 8.88
CA GLY B 133 -7.03 9.26 8.28
C GLY B 133 -7.29 7.91 8.95
N LEU B 134 -6.25 7.13 9.17
CA LEU B 134 -6.41 5.88 9.83
C LEU B 134 -6.92 6.06 11.27
N GLN B 135 -6.36 7.06 11.96
CA GLN B 135 -6.73 7.40 13.37
C GLN B 135 -8.23 7.62 13.53
N GLU B 136 -8.84 8.22 12.51
CA GLU B 136 -10.25 8.57 12.61
CA GLU B 136 -10.28 8.57 12.53
C GLU B 136 -11.08 7.29 12.77
N VAL B 137 -10.62 6.19 12.19
CA VAL B 137 -11.30 4.91 12.36
C VAL B 137 -10.75 4.11 13.56
N GLY B 138 -9.44 4.10 13.70
CA GLY B 138 -8.80 3.24 14.65
C GLY B 138 -8.92 3.65 16.08
N LEU B 139 -8.78 4.94 16.37
CA LEU B 139 -8.83 5.41 17.78
C LEU B 139 -10.13 5.02 18.45
N PRO B 140 -11.26 5.31 17.81
CA PRO B 140 -12.54 4.86 18.40
C PRO B 140 -12.62 3.37 18.67
N LEU B 141 -11.92 2.60 17.85
CA LEU B 141 -11.95 1.14 17.95
C LEU B 141 -10.81 0.58 18.82
N HIS B 142 -10.11 1.47 19.51
CA HIS B 142 -9.00 1.12 20.38
C HIS B 142 -7.93 0.29 19.67
N ARG B 143 -7.63 0.63 18.42
CA ARG B 143 -6.57 -0.06 17.67
C ARG B 143 -5.25 0.69 17.73
N GLY B 144 -4.19 0.03 17.27
CA GLY B 144 -2.85 0.64 17.16
C GLY B 144 -2.34 0.53 15.75
N CYS B 145 -1.30 1.32 15.43
CA CYS B 145 -0.69 1.36 14.09
C CYS B 145 0.83 1.30 14.26
N LEU B 146 1.51 0.62 13.34
CA LEU B 146 2.97 0.69 13.20
C LEU B 146 3.37 1.53 11.98
N LEU B 147 4.34 2.44 12.13
CA LEU B 147 4.87 3.20 10.98
C LEU B 147 6.11 2.51 10.39
N ILE B 148 6.22 2.42 9.06
CA ILE B 148 7.36 1.72 8.43
C ILE B 148 8.52 2.71 8.30
N ALA B 149 9.48 2.60 9.23
CA ALA B 149 10.68 3.48 9.29
C ALA B 149 11.86 3.04 8.38
N GLU B 150 12.02 1.73 8.21
CA GLU B 150 13.07 1.12 7.39
C GLU B 150 12.46 -0.10 6.75
N MET B 151 12.96 -0.54 5.58
CA MET B 151 12.55 -1.81 4.98
C MET B 151 13.77 -2.75 4.85
N SER B 152 13.51 -4.05 4.86
CA SER B 152 14.55 -5.09 4.73
C SER B 152 15.10 -5.30 3.29
N SER B 153 14.41 -4.72 2.31
CA SER B 153 14.65 -5.10 0.92
C SER B 153 15.76 -4.30 0.25
N THR B 154 16.41 -4.94 -0.73
CA THR B 154 17.48 -4.30 -1.50
C THR B 154 16.98 -3.06 -2.24
N GLY B 155 17.66 -1.95 -2.00
CA GLY B 155 17.37 -0.65 -2.66
C GLY B 155 16.32 0.17 -1.93
N SER B 156 15.94 -0.28 -0.73
CA SER B 156 15.01 0.49 0.12
C SER B 156 15.41 1.98 0.18
N LEU B 157 14.40 2.85 0.00
CA LEU B 157 14.57 4.30 0.15
C LEU B 157 14.16 4.81 1.52
N ALA B 158 13.89 3.90 2.45
CA ALA B 158 13.45 4.25 3.80
C ALA B 158 14.71 4.36 4.67
N THR B 159 15.44 5.47 4.49
CA THR B 159 16.73 5.68 5.15
C THR B 159 16.93 7.16 5.45
N GLY B 160 17.93 7.43 6.31
CA GLY B 160 18.31 8.83 6.60
C GLY B 160 17.12 9.65 7.05
N ASP B 161 16.87 10.79 6.38
CA ASP B 161 15.78 11.73 6.72
C ASP B 161 14.38 11.12 6.60
N TYR B 162 14.22 10.13 5.73
CA TYR B 162 12.95 9.38 5.63
C TYR B 162 12.67 8.64 6.94
N THR B 163 13.66 7.91 7.44
CA THR B 163 13.53 7.21 8.71
C THR B 163 13.28 8.20 9.84
N ARG B 164 14.02 9.30 9.86
CA ARG B 164 13.85 10.33 10.90
C ARG B 164 12.44 10.95 10.86
N ALA B 165 11.89 11.16 9.68
CA ALA B 165 10.50 11.64 9.57
C ALA B 165 9.48 10.60 10.13
N ALA B 166 9.77 9.32 9.97
CA ALA B 166 8.85 8.28 10.46
C ALA B 166 8.80 8.33 12.00
N VAL B 167 9.98 8.43 12.61
CA VAL B 167 10.06 8.48 14.06
C VAL B 167 9.27 9.68 14.61
N ARG B 168 9.52 10.85 14.02
CA ARG B 168 8.87 12.12 14.29
C ARG B 168 7.33 12.00 14.16
N MET B 169 6.86 11.43 13.06
CA MET B 169 5.40 11.26 12.89
C MET B 169 4.81 10.33 13.97
N ALA B 170 5.54 9.26 14.28
CA ALA B 170 5.19 8.34 15.38
C ALA B 170 5.04 9.08 16.70
N GLU B 171 6.08 9.83 17.05
CA GLU B 171 6.13 10.53 18.35
C GLU B 171 5.04 11.61 18.49
N GLU B 172 4.57 12.16 17.37
CA GLU B 172 3.51 13.15 17.33
C GLU B 172 2.08 12.60 17.24
N HIS B 173 1.93 11.29 17.11
CA HIS B 173 0.61 10.64 17.06
C HIS B 173 0.63 9.45 17.96
N SER B 174 1.10 9.67 19.19
CA SER B 174 1.40 8.56 20.07
C SER B 174 0.12 7.95 20.62
N GLU B 175 -1.01 8.60 20.42
CA GLU B 175 -2.25 8.06 20.91
CA GLU B 175 -2.30 8.11 20.86
C GLU B 175 -2.75 6.91 20.01
N PHE B 176 -2.22 6.82 18.80
CA PHE B 176 -2.60 5.75 17.84
C PHE B 176 -1.42 4.90 17.38
N VAL B 177 -0.25 5.52 17.20
CA VAL B 177 0.96 4.83 16.72
C VAL B 177 1.71 4.25 17.90
N VAL B 178 1.88 2.91 17.89
CA VAL B 178 2.51 2.15 18.98
C VAL B 178 3.92 1.66 18.69
N GLY B 179 4.46 1.98 17.52
CA GLY B 179 5.75 1.40 17.13
C GLY B 179 6.07 1.45 15.67
N PHE B 180 7.14 0.74 15.33
CA PHE B 180 7.69 0.76 14.02
C PHE B 180 7.90 -0.60 13.44
N ILE B 181 7.76 -0.68 12.11
CA ILE B 181 8.44 -1.69 11.33
C ILE B 181 9.79 -1.10 10.97
N SER B 182 10.87 -1.70 11.46
CA SER B 182 12.23 -1.20 11.21
C SER B 182 13.27 -2.33 11.27
N GLY B 183 14.50 -2.00 10.89
CA GLY B 183 15.58 -2.98 10.83
C GLY B 183 16.34 -3.02 12.14
N SER B 184 16.13 -1.99 12.94
CA SER B 184 16.84 -1.80 14.18
C SER B 184 15.99 -0.89 15.04
N ARG B 185 16.46 -0.60 16.24
CA ARG B 185 15.89 0.43 17.09
C ARG B 185 16.06 1.81 16.43
N VAL B 186 14.96 2.54 16.20
CA VAL B 186 15.01 3.89 15.59
C VAL B 186 14.59 5.01 16.55
N SER B 187 13.99 4.63 17.66
CA SER B 187 13.49 5.57 18.65
C SER B 187 14.03 5.18 20.01
N MET B 188 14.48 6.18 20.77
CA MET B 188 14.94 5.99 22.14
C MET B 188 13.83 5.98 23.20
N LYS B 189 12.58 6.10 22.79
CA LYS B 189 11.45 6.05 23.73
C LYS B 189 10.95 4.59 23.86
N PRO B 190 11.01 4.03 25.07
CA PRO B 190 10.70 2.61 25.30
C PRO B 190 9.20 2.25 25.20
N GLU B 191 8.31 3.24 25.10
CA GLU B 191 6.90 2.98 24.89
C GLU B 191 6.62 2.51 23.45
N PHE B 192 7.57 2.73 22.54
CA PHE B 192 7.40 2.28 21.16
C PHE B 192 7.94 0.87 20.95
N LEU B 193 7.17 0.04 20.23
CA LEU B 193 7.67 -1.25 19.84
C LEU B 193 8.43 -1.20 18.50
N HIS B 194 9.47 -2.02 18.40
CA HIS B 194 10.25 -2.20 17.22
C HIS B 194 10.06 -3.62 16.72
N LEU B 195 9.43 -3.75 15.57
CA LEU B 195 9.29 -5.03 14.91
C LEU B 195 10.12 -5.11 13.65
N THR B 196 10.84 -6.24 13.47
CA THR B 196 11.78 -6.42 12.38
C THR B 196 11.57 -7.65 11.52
N PRO B 197 11.24 -7.43 10.24
CA PRO B 197 11.13 -8.43 9.17
C PRO B 197 12.49 -8.69 8.54
N GLY B 198 12.53 -9.62 7.59
CA GLY B 198 13.78 -10.05 6.94
C GLY B 198 14.62 -10.80 7.94
N VAL B 199 14.04 -11.84 8.53
CA VAL B 199 14.71 -12.63 9.56
C VAL B 199 14.68 -14.12 9.25
N GLN B 200 15.87 -14.75 9.27
CA GLN B 200 16.06 -16.19 9.08
C GLN B 200 17.31 -16.58 9.87
N LEU B 201 17.34 -17.82 10.34
CA LEU B 201 18.51 -18.36 11.05
C LEU B 201 19.74 -18.45 10.12
N GLU B 202 19.54 -18.95 8.90
CA GLU B 202 20.61 -19.02 7.90
C GLU B 202 20.78 -17.72 7.09
N ALA B 203 22.01 -17.52 6.61
CA ALA B 203 22.30 -16.43 5.68
C ALA B 203 21.56 -16.65 4.37
N GLY B 204 21.11 -15.55 3.75
CA GLY B 204 20.48 -15.62 2.46
C GLY B 204 19.60 -14.44 2.09
N GLY B 205 18.80 -14.66 1.06
CA GLY B 205 17.85 -13.68 0.55
C GLY B 205 16.84 -14.47 -0.28
N ASP B 206 16.07 -13.77 -1.11
CA ASP B 206 15.32 -14.39 -2.22
C ASP B 206 15.73 -13.72 -3.51
N ASN B 207 15.13 -14.12 -4.63
CA ASN B 207 15.49 -13.56 -5.92
C ASN B 207 14.68 -12.31 -6.28
N LEU B 208 13.91 -11.78 -5.32
CA LEU B 208 13.11 -10.59 -5.53
C LEU B 208 13.42 -9.57 -4.45
N GLY B 209 14.69 -9.52 -4.04
CA GLY B 209 15.22 -8.42 -3.24
C GLY B 209 15.17 -8.51 -1.75
N GLN B 210 14.63 -9.62 -1.21
CA GLN B 210 14.60 -9.78 0.24
C GLN B 210 16.01 -10.03 0.71
N GLN B 211 16.31 -9.50 1.88
CA GLN B 211 17.58 -9.75 2.50
C GLN B 211 17.32 -10.25 3.91
N TYR B 212 18.05 -11.29 4.33
CA TYR B 212 17.89 -11.86 5.67
C TYR B 212 19.05 -11.60 6.63
N ASN B 213 18.67 -11.40 7.90
CA ASN B 213 19.55 -11.35 9.08
C ASN B 213 18.97 -12.21 10.22
N SER B 214 19.82 -12.52 11.21
CA SER B 214 19.47 -13.48 12.28
C SER B 214 18.80 -12.77 13.46
N PRO B 215 17.98 -13.52 14.23
CA PRO B 215 17.37 -13.02 15.44
C PRO B 215 18.44 -12.42 16.37
N GLN B 216 19.57 -13.11 16.48
CA GLN B 216 20.64 -12.62 17.35
C GLN B 216 21.15 -11.26 16.89
N GLU B 217 21.39 -11.10 15.60
CA GLU B 217 21.76 -9.79 15.04
C GLU B 217 20.69 -8.69 15.28
N VAL B 218 19.46 -9.00 14.90
CA VAL B 218 18.42 -7.98 14.86
C VAL B 218 17.93 -7.58 16.26
N ILE B 219 17.69 -8.57 17.10
CA ILE B 219 17.30 -8.31 18.50
C ILE B 219 18.52 -7.94 19.37
N GLY B 220 19.62 -8.68 19.22
CA GLY B 220 20.77 -8.48 20.14
C GLY B 220 21.60 -7.23 19.88
N LYS B 221 22.06 -7.03 18.65
CA LYS B 221 22.95 -5.93 18.32
C LYS B 221 22.14 -4.69 17.93
N ARG B 222 21.19 -4.86 17.01
CA ARG B 222 20.43 -3.72 16.48
C ARG B 222 19.28 -3.26 17.39
N GLY B 223 18.96 -4.05 18.41
CA GLY B 223 18.11 -3.58 19.50
C GLY B 223 16.60 -3.55 19.22
N SER B 224 16.14 -4.30 18.23
CA SER B 224 14.70 -4.38 17.97
C SER B 224 14.04 -5.31 19.00
N ASP B 225 12.70 -5.30 19.08
CA ASP B 225 11.94 -6.03 20.09
C ASP B 225 11.38 -7.39 19.63
N ILE B 226 10.88 -7.44 18.39
CA ILE B 226 10.12 -8.60 17.91
C ILE B 226 10.62 -8.96 16.50
N ILE B 227 10.89 -10.24 16.24
CA ILE B 227 11.23 -10.69 14.91
C ILE B 227 9.93 -11.09 14.16
N ILE B 228 9.84 -10.65 12.90
CA ILE B 228 8.78 -11.12 11.98
C ILE B 228 9.35 -12.16 11.05
N VAL B 229 8.78 -13.36 11.04
CA VAL B 229 9.35 -14.49 10.25
C VAL B 229 8.27 -15.23 9.45
N GLY B 230 8.48 -15.24 8.12
CA GLY B 230 7.62 -15.90 7.13
C GLY B 230 8.18 -17.26 6.76
N ARG B 231 8.86 -17.28 5.60
CA ARG B 231 9.36 -18.49 4.95
C ARG B 231 10.31 -19.34 5.80
N GLY B 232 11.12 -18.71 6.64
CA GLY B 232 11.95 -19.49 7.58
C GLY B 232 11.15 -20.49 8.42
N ILE B 233 9.87 -20.19 8.67
CA ILE B 233 8.94 -21.08 9.36
C ILE B 233 8.02 -21.78 8.34
N ILE B 234 7.35 -20.99 7.51
CA ILE B 234 6.25 -21.51 6.66
C ILE B 234 6.67 -22.64 5.70
N SER B 235 7.87 -22.50 5.13
CA SER B 235 8.36 -23.46 4.13
C SER B 235 9.01 -24.68 4.76
N ALA B 236 9.30 -24.61 6.06
CA ALA B 236 9.81 -25.77 6.80
C ALA B 236 8.76 -26.92 6.87
N ALA B 237 9.24 -28.16 7.01
CA ALA B 237 8.35 -29.30 7.30
C ALA B 237 7.61 -29.15 8.62
N ASP B 238 8.37 -29.07 9.70
CA ASP B 238 7.76 -28.94 11.00
C ASP B 238 7.69 -27.46 11.38
N ARG B 239 6.52 -26.85 11.12
CA ARG B 239 6.33 -25.40 11.41
C ARG B 239 6.29 -25.06 12.88
N LEU B 240 5.92 -26.01 13.74
CA LEU B 240 5.93 -25.79 15.18
C LEU B 240 7.37 -25.79 15.70
N GLU B 241 8.14 -26.78 15.30
CA GLU B 241 9.56 -26.86 15.69
C GLU B 241 10.28 -25.62 15.16
N ALA B 242 10.00 -25.21 13.92
CA ALA B 242 10.62 -24.00 13.39
C ALA B 242 10.28 -22.80 14.21
N ALA B 243 8.99 -22.63 14.52
CA ALA B 243 8.56 -21.49 15.37
C ALA B 243 9.31 -21.47 16.71
N GLU B 244 9.34 -22.61 17.39
CA GLU B 244 10.03 -22.72 18.69
C GLU B 244 11.51 -22.34 18.57
N MET B 245 12.16 -22.74 17.49
CA MET B 245 13.58 -22.36 17.27
C MET B 245 13.66 -20.84 17.17
N TYR B 246 12.77 -20.22 16.38
CA TYR B 246 12.84 -18.78 16.20
C TYR B 246 12.49 -18.06 17.51
N ARG B 247 11.52 -18.59 18.26
CA ARG B 247 11.14 -18.01 19.54
C ARG B 247 12.31 -18.01 20.55
N LYS B 248 12.92 -19.17 20.72
CA LYS B 248 14.01 -19.29 21.68
C LYS B 248 15.21 -18.41 21.27
N ALA B 249 15.47 -18.31 19.96
CA ALA B 249 16.55 -17.43 19.46
C ALA B 249 16.27 -15.99 19.82
N ALA B 250 15.05 -15.53 19.51
CA ALA B 250 14.68 -14.12 19.77
C ALA B 250 14.59 -13.82 21.26
N TRP B 251 14.13 -14.80 22.03
CA TRP B 251 13.97 -14.56 23.47
C TRP B 251 15.31 -14.48 24.21
N GLU B 252 16.25 -15.35 23.85
CA GLU B 252 17.59 -15.33 24.47
CA GLU B 252 17.58 -15.32 24.47
C GLU B 252 18.31 -14.06 24.06
N ALA B 253 18.14 -13.65 22.78
CA ALA B 253 18.71 -12.41 22.29
C ALA B 253 18.27 -11.21 23.14
N TYR B 254 16.97 -11.12 23.36
CA TYR B 254 16.44 -10.11 24.24
C TYR B 254 16.99 -10.21 25.69
N LEU B 255 16.93 -11.42 26.26
CA LEU B 255 17.42 -11.62 27.64
C LEU B 255 18.88 -11.12 27.81
N SER B 256 19.73 -11.39 26.81
CA SER B 256 21.15 -11.00 26.89
C SER B 256 21.36 -9.47 26.79
N ARG B 257 20.38 -8.76 26.22
CA ARG B 257 20.44 -7.30 26.09
C ARG B 257 20.14 -6.65 27.41
N LEU B 258 19.22 -7.26 28.17
CA LEU B 258 18.72 -6.66 29.37
C LEU B 258 19.73 -6.74 30.50
O4 S5P C . -0.51 11.59 -4.52
C4 S5P C . -1.71 11.04 -4.77
C5 S5P C . -1.84 9.92 -5.58
C6 S5P C . -3.14 9.43 -5.85
S22 S5P C . -3.26 8.14 -7.01
N3 S5P C . -2.79 11.63 -4.27
C2 S5P C . -4.02 11.15 -4.54
O2 S5P C . -5.05 11.79 -4.01
N1 S5P C . -4.23 10.01 -5.30
C1' S5P C . -5.59 9.44 -5.52
O4' S5P C . -6.40 10.26 -6.33
C2' S5P C . -6.34 9.29 -4.18
O2' S5P C . -6.25 8.05 -3.44
C3' S5P C . -7.78 9.47 -4.59
O3' S5P C . -8.34 8.18 -4.90
C4' S5P C . -7.69 10.36 -5.81
C5' S5P C . -7.86 11.82 -5.40
O5' S5P C . -9.26 12.02 -5.14
P S5P C . -9.84 13.50 -4.95
O3P S5P C . -11.19 13.14 -4.48
O1P S5P C . -9.07 14.28 -3.89
O2P S5P C . -9.85 14.15 -6.28
O4 S5P D . 10.58 -4.21 5.31
C4 S5P D . 9.73 -5.25 5.36
C5 S5P D . 8.54 -5.14 6.06
C6 S5P D . 7.68 -6.24 6.16
S22 S5P D . 6.27 -6.12 7.16
N3 S5P D . 10.07 -6.43 4.77
C2 S5P D . 9.24 -7.49 4.87
O2 S5P D . 9.61 -8.65 4.29
N1 S5P D . 8.00 -7.39 5.54
C1' S5P D . 7.07 -8.54 5.57
O4' S5P D . 7.48 -9.62 6.36
C2' S5P D . 6.80 -9.02 4.12
O2' S5P D . 5.66 -8.37 3.48
C3' S5P D . 6.57 -10.51 4.33
O3' S5P D . 5.16 -10.81 4.54
C4' S5P D . 7.36 -10.81 5.60
C5' S5P D . 8.76 -11.35 5.34
O5' S5P D . 8.63 -12.73 5.04
P S5P D . 9.83 -13.76 4.81
O3P S5P D . 9.14 -14.94 4.13
O1P S5P D . 10.79 -13.02 3.88
O2P S5P D . 10.33 -13.88 6.18
#